data_1OW8
#
_entry.id   1OW8
#
_cell.length_a   87.976
_cell.length_b   220.780
_cell.length_c   97.373
_cell.angle_alpha   90.00
_cell.angle_beta   90.00
_cell.angle_gamma   90.00
#
_symmetry.space_group_name_H-M   'C 2 2 21'
#
loop_
_entity.id
_entity.type
_entity.pdbx_description
1 polymer 'Focal adhesion kinase 1'
2 polymer Paxillin
3 water water
#
loop_
_entity_poly.entity_id
_entity_poly.type
_entity_poly.pdbx_seq_one_letter_code
_entity_poly.pdbx_strand_id
1 'polypeptide(L)'
;SSPADSYNEGVKLQPQEISPPPTANLDRSNDKVYENVTGLVKAVIEMSSKIQPAPPEEYVPMVKEVGLALRTLLATVDET
IPLLPASTHREIEMAQKLLNSDLGELINKMKLAQQYVMTSLQQEYKKQMLTAAHALAVDAKNLLDVIDQARLKMLGQTRP
H
;
A,B,C
2 'polypeptide(L)' NLSELDRLLLELN D,F
#
# COMPACT_ATOMS: atom_id res chain seq x y z
N ASN A 25 -16.31 -4.61 23.14
CA ASN A 25 -15.15 -5.06 22.33
C ASN A 25 -14.66 -3.96 21.38
N LEU A 26 -15.50 -3.46 20.47
CA LEU A 26 -15.09 -2.39 19.55
C LEU A 26 -14.48 -1.09 20.10
N ASP A 27 -13.52 -0.57 19.37
CA ASP A 27 -12.72 0.57 19.81
C ASP A 27 -13.41 1.77 19.21
N ARG A 28 -13.92 2.63 20.09
CA ARG A 28 -14.71 3.78 19.70
C ARG A 28 -13.92 5.08 19.53
N SER A 29 -12.59 5.00 19.54
CA SER A 29 -11.73 6.19 19.56
C SER A 29 -11.96 7.16 18.40
N ASN A 30 -12.36 6.63 17.26
CA ASN A 30 -12.69 7.50 16.14
C ASN A 30 -13.87 6.90 15.42
N ASP A 31 -14.84 6.45 16.21
CA ASP A 31 -16.10 5.93 15.69
C ASP A 31 -17.02 7.13 15.63
N LYS A 32 -17.12 7.78 14.48
CA LYS A 32 -17.94 8.97 14.38
C LYS A 32 -19.44 8.64 14.54
N VAL A 33 -19.85 7.41 14.27
CA VAL A 33 -21.27 7.02 14.29
C VAL A 33 -21.71 6.86 15.73
N TYR A 34 -20.87 6.20 16.50
CA TYR A 34 -21.04 6.12 17.94
C TYR A 34 -20.96 7.50 18.61
N GLU A 35 -20.05 8.34 18.16
CA GLU A 35 -19.90 9.67 18.73
C GLU A 35 -21.20 10.45 18.46
N ASN A 36 -21.86 10.20 17.34
CA ASN A 36 -22.99 11.03 16.93
C ASN A 36 -24.32 10.63 17.55
N VAL A 37 -24.51 9.32 17.63
CA VAL A 37 -25.58 8.72 18.37
C VAL A 37 -25.53 9.24 19.81
N THR A 38 -24.34 9.23 20.38
CA THR A 38 -24.25 9.60 21.78
C THR A 38 -24.71 11.02 21.94
N GLY A 39 -24.46 11.84 20.93
CA GLY A 39 -24.88 13.22 20.96
C GLY A 39 -26.37 13.26 20.77
N LEU A 40 -26.91 12.49 19.85
CA LEU A 40 -28.33 12.58 19.59
C LEU A 40 -29.07 12.10 20.80
N VAL A 41 -28.54 11.06 21.45
CA VAL A 41 -29.11 10.56 22.68
C VAL A 41 -28.93 11.53 23.83
N LYS A 42 -27.82 12.26 23.88
CA LYS A 42 -27.63 13.20 24.97
C LYS A 42 -28.62 14.33 24.76
N ALA A 43 -29.03 14.50 23.52
CA ALA A 43 -29.73 15.71 23.15
C ALA A 43 -31.17 15.52 23.56
N VAL A 44 -31.62 14.29 23.37
CA VAL A 44 -32.95 13.85 23.71
C VAL A 44 -33.09 13.88 25.23
N ILE A 45 -32.02 13.53 25.92
CA ILE A 45 -32.06 13.52 27.37
C ILE A 45 -32.10 14.93 27.95
N GLU A 46 -31.36 15.86 27.36
CA GLU A 46 -31.35 17.20 27.92
C GLU A 46 -32.79 17.66 27.77
N MET A 47 -33.41 17.42 26.63
CA MET A 47 -34.78 17.88 26.40
C MET A 47 -35.73 17.23 27.36
N SER A 48 -35.54 15.94 27.59
CA SER A 48 -36.52 15.15 28.31
C SER A 48 -36.46 15.64 29.73
N SER A 49 -35.25 15.89 30.22
CA SER A 49 -35.07 16.22 31.61
C SER A 49 -35.48 17.65 31.90
N LYS A 50 -35.73 18.44 30.86
CA LYS A 50 -35.94 19.89 30.99
C LYS A 50 -37.39 20.31 30.73
N ILE A 51 -38.18 19.40 30.20
CA ILE A 51 -39.33 19.85 29.44
C ILE A 51 -40.48 20.32 30.33
N GLN A 52 -40.76 19.59 31.41
CA GLN A 52 -42.01 19.85 32.14
C GLN A 52 -42.07 21.31 32.62
N PRO A 53 -41.07 21.78 33.35
CA PRO A 53 -40.99 23.20 33.70
C PRO A 53 -41.04 24.22 32.59
N ALA A 54 -40.92 23.81 31.32
CA ALA A 54 -40.42 24.73 30.32
C ALA A 54 -41.47 25.27 29.35
N PRO A 55 -41.34 26.55 29.03
CA PRO A 55 -42.11 27.18 27.95
C PRO A 55 -41.72 26.76 26.52
N PRO A 56 -42.62 26.98 25.55
CA PRO A 56 -42.34 26.87 24.12
C PRO A 56 -41.04 27.47 23.59
N GLU A 57 -40.65 28.62 24.13
CA GLU A 57 -39.51 29.40 23.64
C GLU A 57 -38.22 28.70 24.07
N GLU A 58 -38.27 28.00 25.21
CA GLU A 58 -37.21 27.08 25.62
C GLU A 58 -37.29 25.71 24.96
N TYR A 59 -38.46 25.14 24.68
CA TYR A 59 -38.45 23.78 24.18
C TYR A 59 -38.30 23.59 22.68
N VAL A 60 -38.53 24.64 21.92
CA VAL A 60 -38.36 24.49 20.48
C VAL A 60 -36.87 24.41 20.11
N PRO A 61 -36.02 25.25 20.71
CA PRO A 61 -34.57 25.11 20.53
C PRO A 61 -34.01 23.76 20.92
N MET A 62 -34.46 23.24 22.05
CA MET A 62 -34.20 21.87 22.44
C MET A 62 -34.55 20.91 21.30
N VAL A 63 -35.72 21.04 20.69
CA VAL A 63 -36.04 20.09 19.65
C VAL A 63 -35.19 20.35 18.41
N LYS A 64 -34.88 21.62 18.18
CA LYS A 64 -33.91 22.03 17.16
C LYS A 64 -32.56 21.30 17.30
N GLU A 65 -32.02 21.25 18.52
CA GLU A 65 -30.76 20.55 18.76
C GLU A 65 -30.87 19.08 18.44
N VAL A 66 -32.00 18.51 18.84
CA VAL A 66 -32.24 17.11 18.57
C VAL A 66 -32.16 16.93 17.07
N GLY A 67 -32.76 17.83 16.31
CA GLY A 67 -32.85 17.63 14.89
C GLY A 67 -31.48 17.82 14.27
N LEU A 68 -30.73 18.79 14.77
CA LEU A 68 -29.40 18.99 14.21
C LEU A 68 -28.53 17.76 14.44
N ALA A 69 -28.65 17.21 15.64
CA ALA A 69 -27.84 16.05 15.98
C ALA A 69 -28.24 14.88 15.10
N LEU A 70 -29.52 14.82 14.78
CA LEU A 70 -29.99 13.74 13.96
C LEU A 70 -29.38 13.94 12.58
N ARG A 71 -29.37 15.19 12.15
CA ARG A 71 -29.00 15.47 10.76
C ARG A 71 -27.54 15.05 10.61
N THR A 72 -26.72 15.42 11.58
CA THR A 72 -25.30 15.13 11.59
C THR A 72 -25.08 13.63 11.51
N LEU A 73 -25.95 12.87 12.16
CA LEU A 73 -25.74 11.45 12.39
C LEU A 73 -26.04 10.78 11.07
N LEU A 74 -27.09 11.27 10.42
CA LEU A 74 -27.53 10.59 9.23
C LEU A 74 -26.51 10.85 8.12
N ALA A 75 -25.85 12.00 8.18
CA ALA A 75 -24.81 12.34 7.21
C ALA A 75 -23.62 11.41 7.44
N THR A 76 -23.07 11.41 8.63
CA THR A 76 -22.08 10.40 8.94
C THR A 76 -22.48 9.00 8.50
N VAL A 77 -23.76 8.61 8.63
CA VAL A 77 -24.07 7.23 8.29
C VAL A 77 -24.06 7.09 6.77
N ASP A 78 -24.53 8.15 6.11
CA ASP A 78 -24.53 8.19 4.66
C ASP A 78 -23.11 7.95 4.15
N GLU A 79 -22.09 8.40 4.88
CA GLU A 79 -20.73 8.25 4.39
C GLU A 79 -20.13 6.93 4.74
N THR A 80 -20.67 6.32 5.79
CA THR A 80 -20.12 5.08 6.28
C THR A 80 -20.62 3.90 5.48
N ILE A 81 -21.68 4.07 4.72
CA ILE A 81 -22.38 2.91 4.15
C ILE A 81 -21.48 2.20 3.14
N PRO A 82 -20.95 2.96 2.17
CA PRO A 82 -20.05 2.42 1.15
C PRO A 82 -18.90 1.55 1.66
N LEU A 83 -18.42 1.77 2.88
CA LEU A 83 -17.38 0.92 3.44
C LEU A 83 -17.86 -0.37 4.06
N LEU A 84 -19.11 -0.72 3.80
CA LEU A 84 -19.84 -1.76 4.51
C LEU A 84 -20.57 -2.65 3.51
N PRO A 85 -20.72 -3.92 3.85
CA PRO A 85 -21.19 -4.93 2.91
C PRO A 85 -22.55 -4.55 2.35
N ALA A 86 -22.78 -4.74 1.06
CA ALA A 86 -24.09 -4.45 0.48
C ALA A 86 -25.19 -5.29 1.13
N SER A 87 -24.83 -6.42 1.74
CA SER A 87 -25.87 -7.27 2.33
C SER A 87 -26.65 -6.55 3.42
N THR A 88 -26.06 -5.51 4.00
CA THR A 88 -26.63 -4.81 5.13
C THR A 88 -27.20 -3.47 4.75
N HIS A 89 -26.96 -3.00 3.54
CA HIS A 89 -27.27 -1.60 3.22
C HIS A 89 -28.72 -1.22 3.43
N ARG A 90 -29.67 -2.15 3.37
CA ARG A 90 -31.04 -1.68 3.42
C ARG A 90 -31.55 -1.70 4.84
N GLU A 91 -31.11 -2.64 5.65
CA GLU A 91 -31.51 -2.61 7.06
C GLU A 91 -31.18 -1.21 7.59
N ILE A 92 -30.03 -0.69 7.19
CA ILE A 92 -29.51 0.59 7.65
C ILE A 92 -30.31 1.72 7.04
N GLU A 93 -30.59 1.60 5.75
CA GLU A 93 -31.39 2.60 5.08
C GLU A 93 -32.75 2.72 5.77
N MET A 94 -33.25 1.63 6.32
CA MET A 94 -34.61 1.62 6.88
C MET A 94 -34.55 2.23 8.28
N ALA A 95 -33.53 1.85 9.04
CA ALA A 95 -33.26 2.47 10.33
C ALA A 95 -33.16 3.97 10.17
N GLN A 96 -32.62 4.41 9.03
CA GLN A 96 -32.34 5.82 8.81
C GLN A 96 -33.70 6.47 8.62
N LYS A 97 -34.57 5.84 7.85
CA LYS A 97 -35.90 6.39 7.53
C LYS A 97 -36.72 6.57 8.80
N LEU A 98 -36.54 5.58 9.66
CA LEU A 98 -37.30 5.42 10.89
C LEU A 98 -36.97 6.62 11.75
N LEU A 99 -35.68 6.90 11.93
CA LEU A 99 -35.26 8.07 12.66
C LEU A 99 -35.91 9.35 12.12
N ASN A 100 -36.05 9.46 10.80
CA ASN A 100 -36.58 10.70 10.22
C ASN A 100 -38.05 10.81 10.55
N SER A 101 -38.68 9.65 10.49
CA SER A 101 -40.07 9.56 10.87
C SER A 101 -40.27 9.94 12.34
N ASP A 102 -39.38 9.54 13.25
CA ASP A 102 -39.59 9.78 14.66
C ASP A 102 -39.44 11.27 14.92
N LEU A 103 -38.49 11.90 14.25
CA LEU A 103 -38.24 13.32 14.47
C LEU A 103 -39.48 13.96 13.90
N GLY A 104 -40.06 13.29 12.89
CA GLY A 104 -41.34 13.71 12.36
C GLY A 104 -42.39 13.82 13.44
N GLU A 105 -42.73 12.67 14.03
CA GLU A 105 -43.70 12.61 15.12
C GLU A 105 -43.34 13.54 16.28
N LEU A 106 -42.07 13.83 16.50
CA LEU A 106 -41.73 14.62 17.68
C LEU A 106 -42.03 16.08 17.37
N ILE A 107 -41.73 16.47 16.13
CA ILE A 107 -41.92 17.85 15.75
C ILE A 107 -43.42 18.11 15.82
N ASN A 108 -44.20 17.13 15.34
CA ASN A 108 -45.66 17.14 15.38
C ASN A 108 -46.21 17.46 16.76
N LYS A 109 -45.70 16.74 17.75
CA LYS A 109 -46.30 16.84 19.05
C LYS A 109 -45.80 18.11 19.69
N MET A 110 -44.61 18.56 19.32
CA MET A 110 -44.10 19.86 19.78
C MET A 110 -45.07 20.95 19.35
N LYS A 111 -45.70 20.75 18.19
CA LYS A 111 -46.43 21.85 17.60
C LYS A 111 -47.77 21.89 18.33
N LEU A 112 -48.38 20.72 18.51
CA LEU A 112 -49.52 20.59 19.42
C LEU A 112 -49.25 21.32 20.74
N ALA A 113 -48.28 20.90 21.54
CA ALA A 113 -47.93 21.60 22.77
C ALA A 113 -47.86 23.13 22.75
N GLN A 114 -47.30 23.71 21.69
CA GLN A 114 -47.30 25.17 21.55
C GLN A 114 -48.70 25.77 21.40
N GLN A 115 -49.45 25.14 20.48
CA GLN A 115 -50.86 25.39 20.24
C GLN A 115 -51.67 25.44 21.54
N TYR A 116 -51.41 24.52 22.46
CA TYR A 116 -52.16 24.39 23.70
C TYR A 116 -51.38 24.83 24.96
N VAL A 117 -50.48 25.79 24.82
CA VAL A 117 -49.75 26.29 26.00
C VAL A 117 -50.71 27.02 26.95
N MET A 118 -50.58 26.77 28.26
CA MET A 118 -51.57 27.17 29.27
C MET A 118 -52.91 26.42 29.26
N THR A 119 -52.99 25.24 28.67
CA THR A 119 -54.25 24.54 28.72
C THR A 119 -54.22 23.20 29.46
N SER A 120 -55.40 22.79 29.87
CA SER A 120 -55.67 21.43 30.28
C SER A 120 -55.03 20.39 29.35
N LEU A 121 -54.63 20.75 28.13
CA LEU A 121 -54.02 19.71 27.30
C LEU A 121 -52.48 19.76 27.17
N GLN A 122 -51.87 20.81 27.72
CA GLN A 122 -50.44 21.07 27.63
C GLN A 122 -49.56 19.89 28.05
N GLN A 123 -49.82 19.36 29.26
CA GLN A 123 -49.22 18.12 29.75
C GLN A 123 -49.35 16.98 28.77
N GLU A 124 -50.55 16.51 28.47
CA GLU A 124 -50.59 15.28 27.70
C GLU A 124 -49.77 15.48 26.42
N TYR A 125 -49.47 16.73 26.08
CA TYR A 125 -48.78 16.96 24.82
C TYR A 125 -47.24 16.86 24.99
N LYS A 126 -46.68 17.51 26.02
CA LYS A 126 -45.38 17.14 26.57
C LYS A 126 -45.13 15.65 26.83
N LYS A 127 -46.12 14.89 27.25
CA LYS A 127 -45.88 13.48 27.50
C LYS A 127 -45.75 12.76 26.16
N GLN A 128 -46.42 13.26 25.15
CA GLN A 128 -46.34 12.59 23.84
C GLN A 128 -45.04 12.95 23.11
N MET A 129 -44.58 14.17 23.37
CA MET A 129 -43.20 14.57 23.15
C MET A 129 -42.16 13.66 23.79
N LEU A 130 -42.13 13.56 25.11
CA LEU A 130 -41.15 12.64 25.66
C LEU A 130 -41.29 11.31 24.96
N THR A 131 -42.52 10.89 24.66
CA THR A 131 -42.59 9.55 24.13
C THR A 131 -41.87 9.54 22.79
N ALA A 132 -42.03 10.60 22.00
CA ALA A 132 -41.45 10.56 20.67
C ALA A 132 -39.91 10.63 20.77
N ALA A 133 -39.43 11.52 21.63
CA ALA A 133 -38.00 11.68 21.81
C ALA A 133 -37.43 10.33 22.22
N HIS A 134 -38.09 9.63 23.13
CA HIS A 134 -37.49 8.46 23.75
C HIS A 134 -37.47 7.37 22.66
N ALA A 135 -38.44 7.40 21.77
CA ALA A 135 -38.44 6.47 20.66
C ALA A 135 -37.28 6.71 19.69
N LEU A 136 -36.91 7.97 19.58
CA LEU A 136 -35.87 8.42 18.67
C LEU A 136 -34.56 7.88 19.26
N ALA A 137 -34.31 8.25 20.51
CA ALA A 137 -33.15 7.74 21.19
C ALA A 137 -33.08 6.24 20.97
N VAL A 138 -34.18 5.54 21.18
CA VAL A 138 -34.12 4.08 21.23
C VAL A 138 -33.82 3.49 19.85
N ASP A 139 -34.31 4.14 18.79
CA ASP A 139 -34.10 3.75 17.41
C ASP A 139 -32.73 4.18 16.89
N ALA A 140 -32.25 5.30 17.38
CA ALA A 140 -30.89 5.75 17.11
C ALA A 140 -29.92 4.72 17.65
N LYS A 141 -30.20 4.23 18.85
CA LYS A 141 -29.41 3.17 19.43
C LYS A 141 -29.58 1.92 18.57
N ASN A 142 -30.74 1.71 17.97
CA ASN A 142 -30.87 0.51 17.18
C ASN A 142 -30.02 0.65 15.92
N LEU A 143 -29.73 1.88 15.54
CA LEU A 143 -29.05 2.10 14.27
C LEU A 143 -27.57 1.91 14.53
N LEU A 144 -27.12 2.37 15.68
CA LEU A 144 -25.76 2.06 16.11
C LEU A 144 -25.64 0.55 16.15
N ASP A 145 -26.62 -0.16 16.70
CA ASP A 145 -26.52 -1.61 16.85
C ASP A 145 -26.50 -2.23 15.45
N VAL A 146 -27.28 -1.74 14.51
CA VAL A 146 -27.14 -2.30 13.19
C VAL A 146 -25.73 -2.13 12.66
N ILE A 147 -25.28 -0.88 12.61
CA ILE A 147 -24.06 -0.51 11.89
C ILE A 147 -22.85 -1.16 12.52
N ASP A 148 -22.86 -1.37 13.83
CA ASP A 148 -21.83 -2.12 14.52
C ASP A 148 -21.78 -3.53 13.97
N GLN A 149 -22.94 -4.14 13.81
CA GLN A 149 -22.97 -5.53 13.37
C GLN A 149 -22.41 -5.62 11.97
N ALA A 150 -22.56 -4.56 11.17
CA ALA A 150 -21.98 -4.56 9.84
C ALA A 150 -20.47 -4.31 9.87
N ARG A 151 -19.96 -3.60 10.86
CA ARG A 151 -18.53 -3.38 10.85
C ARG A 151 -17.85 -4.64 11.31
N LEU A 152 -18.46 -5.30 12.30
CA LEU A 152 -17.98 -6.58 12.76
C LEU A 152 -17.90 -7.55 11.57
N LYS A 153 -18.90 -7.50 10.70
CA LYS A 153 -18.82 -8.32 9.52
C LYS A 153 -17.61 -7.88 8.70
N MET A 154 -17.36 -6.59 8.56
CA MET A 154 -16.38 -6.19 7.56
C MET A 154 -14.98 -6.39 8.05
N LEU A 155 -14.79 -6.27 9.35
CA LEU A 155 -13.45 -6.40 9.89
C LEU A 155 -13.20 -7.86 10.14
N GLY A 156 -14.25 -8.66 9.96
CA GLY A 156 -14.17 -10.11 9.94
C GLY A 156 -14.06 -10.79 11.29
N GLN A 157 -15.04 -10.62 12.17
CA GLN A 157 -15.00 -11.30 13.45
C GLN A 157 -15.75 -12.63 13.39
N THR A 158 -15.55 -13.49 14.37
CA THR A 158 -15.76 -14.94 14.23
C THR A 158 -17.08 -15.52 14.80
N GLN B 16 15.29 -14.43 3.85
CA GLN B 16 15.56 -14.82 5.26
C GLN B 16 14.32 -14.78 6.12
N GLU B 17 13.48 -13.73 5.90
CA GLU B 17 12.27 -13.62 6.68
C GLU B 17 11.12 -14.47 6.22
N ILE B 18 10.23 -14.76 7.16
CA ILE B 18 9.08 -15.60 6.91
C ILE B 18 8.03 -15.28 7.95
N SER B 19 6.76 -15.37 7.56
CA SER B 19 5.69 -15.10 8.50
C SER B 19 4.65 -16.22 8.47
N PRO B 20 3.98 -16.46 9.61
CA PRO B 20 2.96 -17.48 9.84
C PRO B 20 1.74 -17.30 8.99
N PRO B 21 1.06 -18.38 8.71
CA PRO B 21 -0.09 -18.23 7.83
C PRO B 21 -0.97 -17.19 8.49
N PRO B 22 -1.69 -16.45 7.65
CA PRO B 22 -2.53 -15.38 8.14
C PRO B 22 -3.36 -15.87 9.32
N THR B 23 -3.55 -15.03 10.32
CA THR B 23 -4.28 -15.45 11.52
C THR B 23 -5.56 -16.21 11.20
N ALA B 24 -5.80 -17.19 12.05
CA ALA B 24 -7.06 -17.94 12.04
C ALA B 24 -8.18 -17.28 12.81
N ASN B 25 -7.89 -16.31 13.67
CA ASN B 25 -8.92 -15.47 14.28
C ASN B 25 -9.61 -14.43 13.41
N LEU B 26 -9.75 -14.58 12.11
CA LEU B 26 -10.66 -13.69 11.40
C LEU B 26 -11.43 -14.47 10.35
N ASP B 27 -12.72 -14.22 10.27
CA ASP B 27 -13.57 -14.76 9.20
C ASP B 27 -13.16 -14.26 7.82
N ARG B 28 -13.16 -15.16 6.82
CA ARG B 28 -12.63 -14.77 5.52
C ARG B 28 -13.61 -14.86 4.38
N SER B 29 -14.90 -14.98 4.68
CA SER B 29 -15.91 -15.00 3.62
C SER B 29 -16.34 -13.62 3.13
N ASN B 30 -16.07 -12.58 3.91
CA ASN B 30 -16.39 -11.20 3.55
C ASN B 30 -15.07 -10.44 3.39
N ASP B 31 -13.99 -11.16 3.09
CA ASP B 31 -12.68 -10.52 3.22
C ASP B 31 -12.12 -10.30 1.84
N LYS B 32 -12.23 -9.05 1.36
CA LYS B 32 -12.03 -8.76 -0.04
C LYS B 32 -10.56 -8.39 -0.26
N VAL B 33 -9.93 -8.06 0.86
CA VAL B 33 -8.51 -7.73 0.89
C VAL B 33 -7.74 -9.01 0.72
N TYR B 34 -8.19 -10.03 1.43
CA TYR B 34 -7.71 -11.41 1.28
C TYR B 34 -7.97 -11.85 -0.16
N GLU B 35 -9.16 -11.56 -0.65
CA GLU B 35 -9.51 -12.05 -1.97
C GLU B 35 -8.61 -11.39 -3.00
N ASN B 36 -8.21 -10.15 -2.72
CA ASN B 36 -7.52 -9.39 -3.74
C ASN B 36 -6.02 -9.67 -3.67
N VAL B 37 -5.54 -9.89 -2.46
CA VAL B 37 -4.17 -10.36 -2.30
C VAL B 37 -4.08 -11.70 -2.99
N THR B 38 -5.09 -12.54 -2.81
CA THR B 38 -5.02 -13.86 -3.40
C THR B 38 -5.03 -13.70 -4.91
N GLY B 39 -5.82 -12.73 -5.36
CA GLY B 39 -5.98 -12.50 -6.78
C GLY B 39 -4.69 -12.11 -7.45
N LEU B 40 -3.81 -11.48 -6.69
CA LEU B 40 -2.77 -10.68 -7.28
C LEU B 40 -1.62 -11.65 -7.30
N VAL B 41 -1.47 -12.37 -6.19
CA VAL B 41 -0.47 -13.42 -6.17
C VAL B 41 -0.75 -14.47 -7.27
N LYS B 42 -2.03 -14.72 -7.55
CA LYS B 42 -2.32 -15.68 -8.59
C LYS B 42 -1.81 -15.11 -9.90
N ALA B 43 -2.18 -13.89 -10.24
CA ALA B 43 -1.73 -13.33 -11.50
C ALA B 43 -0.21 -13.34 -11.59
N VAL B 44 0.49 -13.35 -10.46
CA VAL B 44 1.96 -13.26 -10.47
C VAL B 44 2.51 -14.65 -10.75
N ILE B 45 1.87 -15.66 -10.16
CA ILE B 45 2.20 -17.04 -10.50
C ILE B 45 1.91 -17.31 -11.97
N GLU B 46 0.78 -16.84 -12.48
CA GLU B 46 0.41 -17.12 -13.86
C GLU B 46 1.56 -16.61 -14.69
N MET B 47 1.91 -15.35 -14.53
CA MET B 47 3.05 -14.83 -15.27
C MET B 47 4.33 -15.68 -15.19
N SER B 48 4.76 -16.04 -13.98
CA SER B 48 6.05 -16.70 -13.85
C SER B 48 5.99 -18.15 -14.34
N SER B 49 4.81 -18.73 -14.43
CA SER B 49 4.72 -20.05 -15.04
C SER B 49 4.76 -19.97 -16.56
N LYS B 50 4.19 -18.93 -17.15
CA LYS B 50 4.19 -18.82 -18.61
C LYS B 50 5.41 -18.11 -19.18
N ILE B 51 6.22 -17.44 -18.37
CA ILE B 51 6.94 -16.35 -18.99
C ILE B 51 8.06 -16.80 -19.90
N GLN B 52 8.66 -17.95 -19.62
CA GLN B 52 9.95 -18.21 -20.27
C GLN B 52 9.83 -18.25 -21.80
N PRO B 53 8.96 -19.05 -22.39
CA PRO B 53 8.78 -19.08 -23.85
C PRO B 53 8.02 -17.90 -24.47
N ALA B 54 7.45 -17.05 -23.64
CA ALA B 54 6.49 -16.05 -24.10
C ALA B 54 7.22 -14.92 -24.83
N PRO B 55 6.66 -14.48 -25.96
CA PRO B 55 7.09 -13.26 -26.62
C PRO B 55 6.36 -12.06 -26.03
N PRO B 56 6.79 -10.87 -26.38
CA PRO B 56 6.17 -9.63 -25.87
C PRO B 56 4.66 -9.50 -26.01
N GLU B 57 4.10 -9.76 -27.19
CA GLU B 57 2.66 -9.91 -27.32
C GLU B 57 2.02 -10.63 -26.14
N GLU B 58 2.67 -11.70 -25.66
CA GLU B 58 2.14 -12.52 -24.58
C GLU B 58 2.41 -11.96 -23.18
N TYR B 59 3.63 -11.50 -22.91
CA TYR B 59 4.03 -11.23 -21.54
C TYR B 59 3.74 -9.78 -21.15
N VAL B 60 3.55 -8.93 -22.15
CA VAL B 60 3.13 -7.59 -21.79
C VAL B 60 1.76 -7.61 -21.12
N PRO B 61 0.81 -8.32 -21.71
CA PRO B 61 -0.49 -8.47 -21.06
C PRO B 61 -0.41 -9.21 -19.76
N MET B 62 0.56 -10.11 -19.61
CA MET B 62 0.69 -10.82 -18.35
C MET B 62 1.02 -9.79 -17.29
N VAL B 63 1.81 -8.78 -17.63
CA VAL B 63 2.08 -7.78 -16.62
C VAL B 63 0.87 -6.88 -16.40
N LYS B 64 0.07 -6.63 -17.44
CA LYS B 64 -1.10 -5.76 -17.31
C LYS B 64 -1.96 -6.36 -16.22
N GLU B 65 -2.31 -7.63 -16.42
CA GLU B 65 -3.01 -8.40 -15.39
C GLU B 65 -2.45 -8.23 -13.97
N VAL B 66 -1.14 -8.15 -13.83
CA VAL B 66 -0.58 -7.93 -12.51
C VAL B 66 -0.93 -6.55 -11.97
N GLY B 67 -0.93 -5.56 -12.85
CA GLY B 67 -1.25 -4.20 -12.45
C GLY B 67 -2.74 -4.07 -12.17
N LEU B 68 -3.56 -4.71 -13.00
CA LEU B 68 -5.01 -4.61 -12.79
C LEU B 68 -5.31 -5.17 -11.42
N ALA B 69 -4.75 -6.34 -11.18
CA ALA B 69 -4.87 -6.96 -9.88
C ALA B 69 -4.45 -6.01 -8.77
N LEU B 70 -3.37 -5.28 -8.96
CA LEU B 70 -2.83 -4.51 -7.85
C LEU B 70 -3.65 -3.25 -7.67
N ARG B 71 -4.16 -2.73 -8.79
CA ARG B 71 -4.97 -1.54 -8.68
C ARG B 71 -6.25 -1.80 -7.91
N THR B 72 -6.86 -2.93 -8.30
CA THR B 72 -7.99 -3.45 -7.55
C THR B 72 -7.58 -3.51 -6.09
N LEU B 73 -6.52 -4.24 -5.82
CA LEU B 73 -6.20 -4.46 -4.41
C LEU B 73 -6.11 -3.10 -3.71
N LEU B 74 -5.51 -2.10 -4.34
CA LEU B 74 -5.20 -0.87 -3.62
C LEU B 74 -6.46 -0.02 -3.33
N ALA B 75 -7.35 0.03 -4.30
CA ALA B 75 -8.69 0.57 -4.09
C ALA B 75 -9.22 -0.03 -2.81
N THR B 76 -9.44 -1.34 -2.79
CA THR B 76 -9.99 -1.98 -1.62
C THR B 76 -9.31 -1.57 -0.32
N VAL B 77 -8.01 -1.30 -0.32
CA VAL B 77 -7.37 -1.00 0.95
C VAL B 77 -7.75 0.43 1.30
N ASP B 78 -7.91 1.24 0.26
CA ASP B 78 -8.46 2.57 0.42
C ASP B 78 -9.78 2.54 1.15
N GLU B 79 -10.64 1.60 0.78
CA GLU B 79 -11.99 1.50 1.31
C GLU B 79 -12.03 0.75 2.62
N THR B 80 -10.87 0.49 3.20
CA THR B 80 -10.83 -0.34 4.41
C THR B 80 -10.22 0.45 5.53
N ILE B 81 -9.28 1.33 5.17
CA ILE B 81 -8.53 2.10 6.15
C ILE B 81 -9.46 2.80 7.15
N PRO B 82 -10.49 3.49 6.65
CA PRO B 82 -11.53 4.07 7.52
C PRO B 82 -12.12 3.15 8.56
N LEU B 83 -12.20 1.83 8.39
CA LEU B 83 -12.70 1.00 9.49
C LEU B 83 -11.63 0.69 10.52
N LEU B 84 -10.43 1.21 10.29
CA LEU B 84 -9.27 0.77 11.06
C LEU B 84 -8.75 1.86 11.98
N PRO B 85 -8.19 1.48 13.11
CA PRO B 85 -7.73 2.47 14.08
C PRO B 85 -6.86 3.45 13.31
N ALA B 86 -6.84 4.72 13.68
CA ALA B 86 -6.03 5.65 12.93
C ALA B 86 -4.59 5.34 13.29
N SER B 87 -4.36 4.69 14.41
CA SER B 87 -2.97 4.43 14.77
C SER B 87 -2.20 3.57 13.74
N THR B 88 -2.90 2.93 12.83
CA THR B 88 -2.30 2.00 11.86
C THR B 88 -2.29 2.57 10.46
N HIS B 89 -3.07 3.60 10.19
CA HIS B 89 -3.19 4.13 8.84
C HIS B 89 -1.88 4.46 8.14
N ARG B 90 -0.83 4.78 8.89
CA ARG B 90 0.46 5.06 8.28
C ARG B 90 1.19 3.81 7.76
N GLU B 91 1.38 2.79 8.59
CA GLU B 91 2.03 1.55 8.14
C GLU B 91 1.35 1.14 6.84
N ILE B 92 0.03 1.24 6.79
CA ILE B 92 -0.70 0.68 5.66
C ILE B 92 -0.44 1.56 4.48
N GLU B 93 -0.29 2.85 4.73
CA GLU B 93 -0.29 3.76 3.61
C GLU B 93 1.07 3.68 2.96
N MET B 94 2.07 3.31 3.75
CA MET B 94 3.45 3.11 3.31
C MET B 94 3.57 1.81 2.54
N ALA B 95 3.16 0.70 3.15
CA ALA B 95 3.03 -0.55 2.42
C ALA B 95 2.38 -0.34 1.07
N GLN B 96 1.35 0.50 1.00
CA GLN B 96 0.67 0.67 -0.28
C GLN B 96 1.62 1.31 -1.28
N LYS B 97 2.41 2.27 -0.84
CA LYS B 97 3.34 2.99 -1.70
C LYS B 97 4.48 2.10 -2.19
N LEU B 98 4.99 1.29 -1.27
CA LEU B 98 5.91 0.22 -1.62
C LEU B 98 5.36 -0.68 -2.72
N LEU B 99 4.09 -1.07 -2.70
CA LEU B 99 3.60 -1.88 -3.81
C LEU B 99 3.61 -1.09 -5.11
N ASN B 100 3.49 0.23 -5.04
CA ASN B 100 3.46 0.94 -6.30
C ASN B 100 4.85 1.00 -6.91
N SER B 101 5.87 1.06 -6.06
CA SER B 101 7.23 1.00 -6.54
C SER B 101 7.55 -0.41 -7.02
N ASP B 102 7.12 -1.42 -6.28
CA ASP B 102 7.25 -2.79 -6.77
C ASP B 102 6.66 -2.92 -8.16
N LEU B 103 5.46 -2.40 -8.37
CA LEU B 103 4.89 -2.52 -9.71
C LEU B 103 5.76 -1.73 -10.67
N GLY B 104 6.36 -0.65 -10.20
CA GLY B 104 7.15 0.16 -11.10
C GLY B 104 8.42 -0.47 -11.61
N GLU B 105 9.16 -1.13 -10.72
CA GLU B 105 10.33 -1.92 -11.09
C GLU B 105 9.91 -3.06 -12.03
N LEU B 106 8.69 -3.58 -11.84
CA LEU B 106 8.28 -4.67 -12.71
C LEU B 106 8.08 -4.15 -14.13
N ILE B 107 7.67 -2.90 -14.27
CA ILE B 107 7.34 -2.40 -15.60
C ILE B 107 8.64 -2.04 -16.30
N ASN B 108 9.55 -1.49 -15.51
CA ASN B 108 10.85 -1.10 -16.00
C ASN B 108 11.45 -2.29 -16.72
N LYS B 109 11.50 -3.41 -15.99
CA LYS B 109 12.09 -4.63 -16.52
C LYS B 109 11.28 -5.19 -17.71
N MET B 110 9.96 -5.24 -17.64
CA MET B 110 9.13 -5.62 -18.80
C MET B 110 9.62 -4.93 -20.07
N LYS B 111 9.98 -3.66 -19.90
CA LYS B 111 10.23 -2.70 -20.97
C LYS B 111 11.61 -2.97 -21.55
N LEU B 112 12.53 -3.41 -20.70
CA LEU B 112 13.86 -3.81 -21.13
C LEU B 112 13.75 -5.13 -21.88
N ALA B 113 12.99 -6.05 -21.31
CA ALA B 113 12.77 -7.28 -22.03
C ALA B 113 12.23 -7.00 -23.42
N GLN B 114 11.31 -6.05 -23.59
CA GLN B 114 10.72 -5.75 -24.90
C GLN B 114 11.81 -5.35 -25.89
N GLN B 115 12.54 -4.31 -25.52
CA GLN B 115 13.67 -3.75 -26.27
C GLN B 115 14.60 -4.87 -26.75
N TYR B 116 14.95 -5.80 -25.87
CA TYR B 116 16.02 -6.73 -26.17
C TYR B 116 15.46 -8.07 -26.61
N VAL B 117 14.28 -8.04 -27.22
CA VAL B 117 13.79 -9.21 -27.93
C VAL B 117 14.80 -9.37 -29.07
N MET B 118 14.75 -10.54 -29.72
CA MET B 118 15.79 -10.98 -30.66
C MET B 118 17.22 -10.94 -30.14
N THR B 119 17.45 -10.79 -28.84
CA THR B 119 18.82 -10.80 -28.34
C THR B 119 18.95 -11.71 -27.13
N SER B 120 20.21 -11.86 -26.74
CA SER B 120 20.57 -12.72 -25.62
C SER B 120 19.86 -12.31 -24.33
N LEU B 121 19.59 -11.01 -24.17
CA LEU B 121 19.08 -10.44 -22.92
C LEU B 121 17.57 -10.54 -22.68
N GLN B 122 16.80 -10.95 -23.68
CA GLN B 122 15.38 -11.26 -23.47
C GLN B 122 15.27 -12.17 -22.22
N GLN B 123 16.22 -13.07 -22.01
CA GLN B 123 16.00 -14.10 -20.99
C GLN B 123 16.48 -13.60 -19.62
N GLU B 124 17.45 -12.70 -19.62
CA GLU B 124 17.92 -12.10 -18.38
C GLU B 124 16.88 -11.11 -17.88
N TYR B 125 16.34 -10.29 -18.76
CA TYR B 125 15.39 -9.27 -18.31
C TYR B 125 14.08 -9.94 -17.87
N LYS B 126 13.81 -11.12 -18.42
CA LYS B 126 12.67 -11.91 -18.02
C LYS B 126 12.96 -12.43 -16.61
N LYS B 127 14.21 -12.76 -16.31
CA LYS B 127 14.50 -13.24 -14.97
C LYS B 127 14.25 -12.11 -14.00
N GLN B 128 14.63 -10.88 -14.36
CA GLN B 128 14.42 -9.75 -13.46
C GLN B 128 12.93 -9.34 -13.33
N MET B 129 12.11 -9.53 -14.35
CA MET B 129 10.66 -9.48 -14.17
C MET B 129 10.13 -10.40 -13.07
N LEU B 130 10.56 -11.66 -13.12
CA LEU B 130 10.12 -12.64 -12.14
C LEU B 130 10.50 -12.18 -10.76
N THR B 131 11.72 -11.67 -10.62
CA THR B 131 12.12 -11.13 -9.33
C THR B 131 11.22 -10.03 -8.80
N ALA B 132 10.91 -9.06 -9.64
CA ALA B 132 10.07 -7.93 -9.25
C ALA B 132 8.68 -8.43 -8.89
N ALA B 133 8.23 -9.38 -9.69
CA ALA B 133 6.85 -9.80 -9.58
C ALA B 133 6.75 -10.62 -8.30
N HIS B 134 7.83 -11.33 -7.98
CA HIS B 134 7.92 -11.99 -6.69
C HIS B 134 7.92 -10.97 -5.54
N ALA B 135 8.74 -9.93 -5.60
CA ALA B 135 8.71 -8.92 -4.54
C ALA B 135 7.32 -8.35 -4.33
N LEU B 136 6.63 -8.08 -5.42
CA LEU B 136 5.29 -7.53 -5.35
C LEU B 136 4.45 -8.52 -4.54
N ALA B 137 4.48 -9.80 -4.89
CA ALA B 137 3.55 -10.74 -4.27
C ALA B 137 3.83 -10.78 -2.78
N VAL B 138 5.10 -10.77 -2.46
CA VAL B 138 5.52 -10.99 -1.09
C VAL B 138 5.03 -9.85 -0.23
N ASP B 139 5.17 -8.66 -0.77
CA ASP B 139 4.85 -7.43 -0.06
C ASP B 139 3.34 -7.32 -0.01
N ALA B 140 2.64 -7.76 -1.04
CA ALA B 140 1.19 -7.82 -0.93
C ALA B 140 0.76 -8.74 0.21
N LYS B 141 1.49 -9.82 0.44
CA LYS B 141 1.11 -10.65 1.57
C LYS B 141 1.46 -9.99 2.89
N ASN B 142 2.53 -9.20 2.95
CA ASN B 142 2.84 -8.55 4.21
C ASN B 142 1.78 -7.51 4.53
N LEU B 143 1.17 -6.95 3.49
CA LEU B 143 0.23 -5.87 3.70
C LEU B 143 -0.97 -6.46 4.39
N LEU B 144 -1.41 -7.61 3.89
CA LEU B 144 -2.50 -8.34 4.48
C LEU B 144 -2.16 -8.63 5.93
N ASP B 145 -0.92 -8.98 6.23
CA ASP B 145 -0.63 -9.35 7.60
C ASP B 145 -0.82 -8.12 8.48
N VAL B 146 -0.55 -6.94 7.93
CA VAL B 146 -0.63 -5.68 8.68
C VAL B 146 -2.08 -5.26 8.84
N ILE B 147 -2.79 -5.11 7.73
CA ILE B 147 -4.24 -4.98 7.81
C ILE B 147 -4.92 -5.97 8.75
N ASP B 148 -4.32 -7.13 8.99
CA ASP B 148 -5.05 -8.08 9.80
C ASP B 148 -4.86 -7.66 11.22
N GLN B 149 -3.60 -7.36 11.58
CA GLN B 149 -3.26 -6.96 12.94
C GLN B 149 -4.13 -5.77 13.32
N ALA B 150 -4.53 -5.00 12.31
CA ALA B 150 -5.26 -3.78 12.49
C ALA B 150 -6.72 -4.05 12.82
N ARG B 151 -7.37 -4.80 11.97
CA ARG B 151 -8.69 -5.33 12.32
C ARG B 151 -8.81 -5.94 13.71
N LEU B 152 -7.79 -6.60 14.23
CA LEU B 152 -7.93 -7.29 15.52
C LEU B 152 -7.76 -6.33 16.68
N LYS B 153 -7.04 -5.23 16.40
CA LYS B 153 -6.96 -4.07 17.29
C LYS B 153 -8.33 -3.39 17.32
N MET B 154 -8.92 -3.17 16.16
CA MET B 154 -10.27 -2.61 16.14
C MET B 154 -11.24 -3.47 16.95
N LEU B 155 -11.10 -4.80 16.87
CA LEU B 155 -12.07 -5.68 17.49
C LEU B 155 -11.79 -5.89 18.98
N GLY B 156 -10.66 -5.38 19.45
CA GLY B 156 -10.37 -5.42 20.86
C GLY B 156 -9.98 -6.81 21.34
N PRO C 15 21.88 -21.19 -5.72
CA PRO C 15 21.85 -19.79 -6.24
C PRO C 15 22.49 -19.95 -7.64
N GLN C 16 22.79 -21.25 -7.81
CA GLN C 16 23.45 -21.99 -8.91
C GLN C 16 24.70 -21.48 -9.56
N GLU C 17 24.69 -21.41 -10.88
CA GLU C 17 25.81 -20.95 -11.70
C GLU C 17 26.95 -20.20 -11.01
N ILE C 18 28.19 -20.63 -11.23
CA ILE C 18 29.33 -19.98 -10.61
C ILE C 18 30.58 -20.12 -11.46
N SER C 19 31.43 -19.09 -11.47
CA SER C 19 32.64 -19.16 -12.27
C SER C 19 33.84 -19.46 -11.38
N PRO C 20 34.75 -20.34 -11.85
CA PRO C 20 35.89 -20.60 -11.00
C PRO C 20 36.75 -19.33 -11.10
N PRO C 21 37.75 -19.17 -10.23
CA PRO C 21 38.61 -17.98 -10.25
C PRO C 21 39.11 -17.57 -11.64
N PRO C 22 39.28 -16.26 -11.89
CA PRO C 22 39.76 -15.76 -13.18
C PRO C 22 40.91 -16.65 -13.64
N THR C 23 40.92 -17.07 -14.90
CA THR C 23 41.97 -17.96 -15.34
C THR C 23 43.36 -17.44 -15.07
N ALA C 24 44.23 -18.34 -14.63
CA ALA C 24 45.60 -18.01 -14.33
C ALA C 24 46.37 -17.86 -15.65
N ASN C 25 45.96 -18.58 -16.70
CA ASN C 25 46.66 -18.54 -17.99
C ASN C 25 46.80 -17.21 -18.73
N LEU C 26 46.63 -16.07 -18.06
CA LEU C 26 46.75 -14.77 -18.74
C LEU C 26 47.41 -13.75 -17.80
N ASP C 27 48.47 -13.10 -18.26
CA ASP C 27 49.16 -12.11 -17.43
C ASP C 27 48.19 -10.97 -17.16
N ARG C 28 48.07 -10.52 -15.92
CA ARG C 28 47.17 -9.42 -15.58
C ARG C 28 47.87 -8.10 -15.32
N SER C 29 49.17 -8.03 -15.60
CA SER C 29 49.96 -6.83 -15.35
C SER C 29 49.51 -5.57 -16.04
N ASN C 30 49.06 -5.73 -17.27
CA ASN C 30 48.60 -4.56 -18.01
C ASN C 30 47.16 -4.77 -18.47
N ASP C 31 46.42 -5.55 -17.69
CA ASP C 31 45.02 -5.85 -17.97
C ASP C 31 44.16 -4.79 -17.34
N LYS C 32 43.81 -3.76 -18.10
CA LYS C 32 42.98 -2.69 -17.58
C LYS C 32 41.50 -3.07 -17.37
N VAL C 33 41.07 -4.21 -17.92
CA VAL C 33 39.70 -4.62 -17.69
C VAL C 33 39.66 -5.11 -16.24
N TYR C 34 40.61 -5.98 -15.90
CA TYR C 34 40.75 -6.57 -14.57
C TYR C 34 40.89 -5.46 -13.55
N GLU C 35 41.61 -4.40 -13.91
CA GLU C 35 41.80 -3.27 -13.01
C GLU C 35 40.49 -2.52 -12.83
N ASN C 36 39.81 -2.23 -13.93
CA ASN C 36 38.55 -1.49 -13.84
C ASN C 36 37.42 -2.26 -13.18
N VAL C 37 37.34 -3.57 -13.44
CA VAL C 37 36.32 -4.36 -12.77
C VAL C 37 36.61 -4.25 -11.27
N THR C 38 37.85 -4.56 -10.89
CA THR C 38 38.28 -4.51 -9.49
C THR C 38 37.97 -3.13 -8.96
N GLY C 39 38.09 -2.12 -9.79
CA GLY C 39 37.79 -0.78 -9.32
C GLY C 39 36.32 -0.61 -9.05
N LEU C 40 35.49 -1.08 -9.99
CA LEU C 40 34.04 -0.95 -9.87
C LEU C 40 33.47 -1.77 -8.72
N VAL C 41 34.00 -2.97 -8.53
CA VAL C 41 33.53 -3.79 -7.45
C VAL C 41 33.88 -3.08 -6.14
N LYS C 42 35.06 -2.47 -6.13
CA LYS C 42 35.52 -1.78 -4.93
C LYS C 42 34.66 -0.56 -4.51
N ALA C 43 34.14 0.17 -5.49
CA ALA C 43 33.32 1.34 -5.22
C ALA C 43 31.93 0.92 -4.74
N VAL C 44 31.51 -0.29 -5.10
CA VAL C 44 30.23 -0.82 -4.69
C VAL C 44 30.38 -1.22 -3.24
N ILE C 45 31.49 -1.86 -2.93
CA ILE C 45 31.76 -2.28 -1.58
C ILE C 45 31.84 -1.07 -0.65
N GLU C 46 32.30 0.06 -1.18
CA GLU C 46 32.42 1.28 -0.38
C GLU C 46 30.97 1.67 -0.01
N MET C 47 30.11 1.81 -1.01
CA MET C 47 28.70 2.16 -0.76
C MET C 47 28.02 1.10 0.10
N SER C 48 27.94 -0.10 -0.44
CA SER C 48 27.31 -1.23 0.21
C SER C 48 27.67 -1.35 1.68
N SER C 49 28.88 -0.91 2.06
CA SER C 49 29.28 -1.04 3.45
C SER C 49 29.24 0.25 4.26
N LYS C 50 29.02 1.39 3.63
CA LYS C 50 28.95 2.62 4.41
C LYS C 50 27.45 2.89 4.60
N ILE C 51 26.85 3.51 3.60
CA ILE C 51 25.41 3.86 3.55
C ILE C 51 24.39 3.58 4.67
N GLN C 52 24.31 2.36 5.20
CA GLN C 52 23.31 2.15 6.24
C GLN C 52 23.12 3.49 7.02
N PRO C 53 24.18 4.00 7.69
CA PRO C 53 24.11 5.28 8.45
C PRO C 53 23.64 6.56 7.71
N ALA C 54 24.54 7.17 6.96
CA ALA C 54 24.35 8.40 6.14
C ALA C 54 23.12 8.73 5.34
N PRO C 55 22.78 10.03 5.29
CA PRO C 55 21.66 10.66 4.59
C PRO C 55 21.99 10.97 3.13
N PRO C 56 21.02 11.52 2.38
CA PRO C 56 21.18 11.87 0.95
C PRO C 56 22.38 12.73 0.55
N GLU C 57 23.03 13.36 1.53
CA GLU C 57 24.20 14.19 1.26
C GLU C 57 25.41 13.28 1.24
N GLU C 58 25.19 11.98 1.38
CA GLU C 58 26.31 11.06 1.39
C GLU C 58 26.19 9.84 0.52
N TYR C 59 24.97 9.43 0.13
CA TYR C 59 24.92 8.29 -0.76
C TYR C 59 24.86 8.76 -2.20
N VAL C 60 24.17 9.87 -2.45
CA VAL C 60 24.07 10.39 -3.80
C VAL C 60 25.44 10.47 -4.51
N PRO C 61 26.54 10.75 -3.78
CA PRO C 61 27.82 10.78 -4.52
C PRO C 61 28.31 9.34 -4.54
N MET C 62 28.25 8.70 -3.36
CA MET C 62 28.67 7.32 -3.19
C MET C 62 28.20 6.55 -4.41
N VAL C 63 27.09 7.02 -5.00
CA VAL C 63 26.50 6.41 -6.19
C VAL C 63 27.20 6.97 -7.43
N LYS C 64 27.25 8.30 -7.52
CA LYS C 64 27.91 8.95 -8.66
C LYS C 64 29.31 8.34 -8.83
N GLU C 65 29.93 7.99 -7.70
CA GLU C 65 31.25 7.37 -7.71
C GLU C 65 31.12 6.05 -8.49
N VAL C 66 30.29 5.12 -7.97
CA VAL C 66 30.08 3.82 -8.60
C VAL C 66 29.80 4.00 -10.07
N GLY C 67 29.03 5.03 -10.41
CA GLY C 67 28.69 5.28 -11.79
C GLY C 67 29.82 5.82 -12.63
N LEU C 68 30.82 6.40 -11.99
CA LEU C 68 31.96 6.94 -12.73
C LEU C 68 32.85 5.71 -13.01
N ALA C 69 33.12 4.95 -11.97
CA ALA C 69 33.93 3.76 -12.07
C ALA C 69 33.39 2.83 -13.15
N LEU C 70 32.10 2.94 -13.47
CA LEU C 70 31.51 2.08 -14.48
C LEU C 70 31.74 2.66 -15.87
N ARG C 71 31.64 3.99 -15.96
CA ARG C 71 31.86 4.70 -17.22
C ARG C 71 33.22 4.27 -17.74
N THR C 72 34.20 4.28 -16.83
CA THR C 72 35.57 3.89 -17.17
C THR C 72 35.59 2.48 -17.72
N LEU C 73 35.22 1.51 -16.88
CA LEU C 73 35.21 0.12 -17.29
C LEU C 73 34.57 -0.08 -18.65
N LEU C 74 33.46 0.61 -18.87
CA LEU C 74 32.81 0.46 -20.16
C LEU C 74 33.67 1.00 -21.29
N ALA C 75 34.37 2.12 -21.04
CA ALA C 75 35.25 2.70 -22.05
C ALA C 75 36.36 1.71 -22.36
N THR C 76 37.12 1.35 -21.33
CA THR C 76 38.20 0.39 -21.47
C THR C 76 37.72 -0.83 -22.21
N VAL C 77 36.49 -1.28 -21.99
CA VAL C 77 36.03 -2.45 -22.71
C VAL C 77 35.80 -2.07 -24.16
N ASP C 78 35.42 -0.82 -24.43
CA ASP C 78 35.24 -0.44 -25.82
C ASP C 78 36.60 -0.53 -26.51
N GLU C 79 37.61 0.14 -25.96
CA GLU C 79 38.96 0.09 -26.54
C GLU C 79 39.53 -1.31 -26.61
N THR C 80 38.86 -2.28 -26.01
CA THR C 80 39.37 -3.65 -25.99
C THR C 80 38.68 -4.65 -26.93
N ILE C 81 37.43 -4.41 -27.29
CA ILE C 81 36.67 -5.32 -28.18
C ILE C 81 37.19 -5.46 -29.63
N PRO C 82 37.57 -4.33 -30.26
CA PRO C 82 38.06 -4.32 -31.64
C PRO C 82 39.05 -5.46 -31.89
N LEU C 83 40.03 -5.50 -31.01
CA LEU C 83 41.12 -6.45 -31.05
C LEU C 83 40.78 -7.95 -30.87
N LEU C 84 39.66 -8.24 -30.25
CA LEU C 84 39.26 -9.63 -30.04
C LEU C 84 38.63 -10.20 -31.31
N PRO C 85 38.30 -11.49 -31.30
CA PRO C 85 37.68 -12.15 -32.45
C PRO C 85 36.38 -11.41 -32.75
N ALA C 86 36.08 -11.21 -34.03
CA ALA C 86 34.86 -10.50 -34.37
C ALA C 86 33.66 -11.22 -33.77
N SER C 87 33.62 -12.55 -33.96
CA SER C 87 32.55 -13.42 -33.50
C SER C 87 32.14 -13.35 -32.02
N THR C 88 33.04 -12.91 -31.14
CA THR C 88 32.71 -12.83 -29.71
C THR C 88 32.31 -11.42 -29.25
N HIS C 89 32.20 -10.51 -30.20
CA HIS C 89 31.86 -9.13 -29.90
C HIS C 89 30.44 -8.90 -29.40
N ARG C 90 29.51 -9.78 -29.76
CA ARG C 90 28.11 -9.67 -29.37
C ARG C 90 27.89 -9.97 -27.87
N GLU C 91 28.39 -11.10 -27.35
CA GLU C 91 28.23 -11.45 -25.92
C GLU C 91 28.83 -10.33 -25.03
N ILE C 92 29.93 -9.75 -25.47
CA ILE C 92 30.59 -8.69 -24.73
C ILE C 92 29.81 -7.38 -24.84
N GLU C 93 29.15 -7.13 -25.96
CA GLU C 93 28.39 -5.90 -26.12
C GLU C 93 27.14 -5.98 -25.24
N MET C 94 26.59 -7.19 -25.16
CA MET C 94 25.41 -7.45 -24.36
C MET C 94 25.79 -7.33 -22.85
N ALA C 95 26.80 -8.06 -22.43
CA ALA C 95 27.28 -8.03 -21.05
C ALA C 95 27.44 -6.57 -20.60
N GLN C 96 27.86 -5.70 -21.51
CA GLN C 96 28.04 -4.29 -21.22
C GLN C 96 26.71 -3.58 -21.01
N LYS C 97 25.76 -3.79 -21.91
CA LYS C 97 24.47 -3.14 -21.76
C LYS C 97 23.83 -3.59 -20.45
N LEU C 98 24.06 -4.84 -20.05
CA LEU C 98 23.46 -5.32 -18.81
C LEU C 98 23.93 -4.48 -17.64
N LEU C 99 25.21 -4.15 -17.63
CA LEU C 99 25.76 -3.32 -16.57
C LEU C 99 25.08 -1.95 -16.55
N ASN C 100 24.69 -1.46 -17.73
CA ASN C 100 24.03 -0.16 -17.83
C ASN C 100 22.70 -0.09 -17.11
N SER C 101 21.89 -1.13 -17.32
CA SER C 101 20.59 -1.21 -16.68
C SER C 101 20.77 -1.47 -15.19
N ASP C 102 21.84 -2.18 -14.83
CA ASP C 102 22.12 -2.48 -13.42
C ASP C 102 22.32 -1.15 -12.75
N LEU C 103 23.03 -0.25 -13.42
CA LEU C 103 23.24 1.06 -12.86
C LEU C 103 21.93 1.80 -12.81
N GLY C 104 21.12 1.62 -13.85
CA GLY C 104 19.81 2.27 -13.90
C GLY C 104 18.93 1.90 -12.70
N GLU C 105 18.99 0.64 -12.27
CA GLU C 105 18.21 0.16 -11.14
C GLU C 105 18.71 0.91 -9.93
N LEU C 106 20.02 0.89 -9.72
CA LEU C 106 20.65 1.57 -8.59
C LEU C 106 20.17 3.00 -8.48
N ILE C 107 20.07 3.68 -9.61
CA ILE C 107 19.62 5.06 -9.62
C ILE C 107 18.16 5.18 -9.22
N ASN C 108 17.30 4.38 -9.84
CA ASN C 108 15.87 4.38 -9.54
C ASN C 108 15.62 4.19 -8.06
N LYS C 109 16.39 3.29 -7.46
CA LYS C 109 16.23 3.03 -6.04
C LYS C 109 16.88 4.11 -5.20
N MET C 110 17.69 4.96 -5.84
CA MET C 110 18.31 6.03 -5.07
C MET C 110 17.26 7.12 -5.09
N LYS C 111 16.84 7.51 -6.28
CA LYS C 111 15.85 8.55 -6.37
C LYS C 111 14.67 8.26 -5.46
N LEU C 112 14.46 6.99 -5.14
CA LEU C 112 13.36 6.60 -4.27
C LEU C 112 13.73 6.80 -2.82
N ALA C 113 14.92 6.37 -2.43
CA ALA C 113 15.37 6.55 -1.06
C ALA C 113 15.37 8.03 -0.72
N GLN C 114 15.54 8.85 -1.74
CA GLN C 114 15.54 10.28 -1.53
C GLN C 114 14.10 10.74 -1.32
N GLN C 115 13.25 10.40 -2.29
CA GLN C 115 11.87 10.80 -2.23
C GLN C 115 11.24 10.43 -0.90
N TYR C 116 11.80 9.46 -0.18
CA TYR C 116 11.21 9.07 1.10
C TYR C 116 12.18 9.07 2.27
N VAL C 117 12.64 10.26 2.67
CA VAL C 117 13.57 10.33 3.79
C VAL C 117 12.83 10.43 5.14
N MET C 118 13.47 9.88 6.18
CA MET C 118 12.90 9.87 7.53
C MET C 118 11.49 9.28 7.38
N THR C 119 11.43 8.04 6.95
CA THR C 119 10.17 7.33 6.75
C THR C 119 10.51 5.89 7.05
N SER C 120 9.49 5.05 7.12
CA SER C 120 9.75 3.65 7.36
C SER C 120 10.34 3.14 6.03
N LEU C 121 9.88 3.76 4.95
CA LEU C 121 10.29 3.43 3.60
C LEU C 121 11.72 3.81 3.23
N GLN C 122 12.38 4.66 4.00
CA GLN C 122 13.74 5.02 3.66
C GLN C 122 14.68 3.84 3.87
N GLN C 123 14.51 3.12 4.98
CA GLN C 123 15.36 1.98 5.26
C GLN C 123 15.19 0.90 4.20
N GLU C 124 14.00 0.84 3.61
CA GLU C 124 13.68 -0.15 2.58
C GLU C 124 14.31 0.12 1.23
N TYR C 125 14.13 1.33 0.70
CA TYR C 125 14.73 1.63 -0.59
C TYR C 125 16.27 1.59 -0.49
N LYS C 126 16.78 1.56 0.73
CA LYS C 126 18.23 1.46 0.92
C LYS C 126 18.60 0.00 0.70
N LYS C 127 17.79 -0.92 1.22
CA LYS C 127 18.06 -2.34 1.02
C LYS C 127 17.98 -2.63 -0.47
N GLN C 128 17.07 -1.95 -1.17
CA GLN C 128 16.94 -2.15 -2.59
C GLN C 128 18.13 -1.62 -3.35
N MET C 129 18.79 -0.61 -2.79
CA MET C 129 19.99 -0.06 -3.43
C MET C 129 21.08 -1.12 -3.28
N LEU C 130 21.39 -1.48 -2.05
CA LEU C 130 22.40 -2.48 -1.80
C LEU C 130 22.19 -3.64 -2.73
N THR C 131 20.94 -4.04 -2.92
CA THR C 131 20.64 -5.15 -3.82
C THR C 131 21.12 -4.86 -5.24
N ALA C 132 20.67 -3.73 -5.77
CA ALA C 132 21.02 -3.32 -7.12
C ALA C 132 22.52 -3.12 -7.33
N ALA C 133 23.21 -2.66 -6.30
CA ALA C 133 24.66 -2.45 -6.42
C ALA C 133 25.39 -3.79 -6.41
N HIS C 134 24.85 -4.76 -5.68
CA HIS C 134 25.46 -6.08 -5.60
C HIS C 134 25.37 -6.72 -6.99
N ALA C 135 24.21 -6.54 -7.63
CA ALA C 135 23.96 -7.06 -8.97
C ALA C 135 25.06 -6.50 -9.85
N LEU C 136 25.16 -5.18 -9.87
CA LEU C 136 26.16 -4.49 -10.66
C LEU C 136 27.52 -5.21 -10.56
N ALA C 137 28.06 -5.32 -9.36
CA ALA C 137 29.36 -5.96 -9.14
C ALA C 137 29.45 -7.41 -9.63
N VAL C 138 28.41 -8.20 -9.35
CA VAL C 138 28.40 -9.60 -9.79
C VAL C 138 28.57 -9.64 -11.29
N ASP C 139 27.77 -8.81 -11.95
CA ASP C 139 27.78 -8.69 -13.40
C ASP C 139 29.04 -8.07 -13.98
N ALA C 140 29.70 -7.19 -13.22
CA ALA C 140 30.93 -6.59 -13.69
C ALA C 140 31.94 -7.74 -13.73
N LYS C 141 31.79 -8.67 -12.80
CA LYS C 141 32.70 -9.80 -12.73
C LYS C 141 32.37 -10.80 -13.82
N ASN C 142 31.14 -10.78 -14.33
CA ASN C 142 30.79 -11.73 -15.37
C ASN C 142 31.25 -11.20 -16.71
N LEU C 143 31.36 -9.88 -16.83
CA LEU C 143 31.85 -9.28 -18.06
C LEU C 143 33.28 -9.76 -18.25
N LEU C 144 34.07 -9.57 -17.21
CA LEU C 144 35.47 -9.95 -17.22
C LEU C 144 35.51 -11.42 -17.57
N ASP C 145 34.65 -12.22 -16.97
CA ASP C 145 34.68 -13.64 -17.28
C ASP C 145 34.49 -13.93 -18.74
N VAL C 146 33.56 -13.21 -19.37
CA VAL C 146 33.29 -13.41 -20.81
C VAL C 146 34.53 -13.06 -21.64
N ILE C 147 34.99 -11.83 -21.50
CA ILE C 147 36.18 -11.35 -22.18
C ILE C 147 37.39 -12.31 -22.03
N ASP C 148 37.57 -12.90 -20.86
CA ASP C 148 38.69 -13.81 -20.72
C ASP C 148 38.46 -14.95 -21.69
N GLN C 149 37.28 -15.56 -21.66
CA GLN C 149 37.00 -16.66 -22.60
C GLN C 149 37.29 -16.17 -24.02
N ALA C 150 37.10 -14.88 -24.24
CA ALA C 150 37.31 -14.29 -25.56
C ALA C 150 38.79 -14.18 -25.91
N ARG C 151 39.64 -14.07 -24.90
CA ARG C 151 41.05 -14.00 -25.22
C ARG C 151 41.51 -15.44 -25.35
N LEU C 152 40.99 -16.33 -24.51
CA LEU C 152 41.40 -17.72 -24.62
C LEU C 152 41.15 -18.14 -26.05
N LYS C 153 39.91 -18.00 -26.53
CA LYS C 153 39.58 -18.37 -27.92
C LYS C 153 40.64 -17.82 -28.90
N MET C 154 40.76 -16.50 -28.99
CA MET C 154 41.71 -15.87 -29.89
C MET C 154 43.10 -16.50 -29.86
N LEU C 155 43.49 -17.09 -28.74
CA LEU C 155 44.80 -17.72 -28.60
C LEU C 155 44.91 -19.14 -29.11
N GLY C 156 43.98 -19.96 -28.67
CA GLY C 156 43.98 -21.34 -29.11
C GLY C 156 42.96 -21.48 -30.23
N LEU D 2 -19.85 1.44 25.08
CA LEU D 2 -21.31 1.36 24.97
C LEU D 2 -22.03 1.36 26.30
N SER D 3 -21.39 0.87 27.37
CA SER D 3 -22.11 0.67 28.63
C SER D 3 -22.49 2.10 29.03
N GLU D 4 -21.68 3.09 28.65
CA GLU D 4 -21.95 4.52 28.90
C GLU D 4 -23.18 4.99 28.06
N LEU D 5 -23.26 4.59 26.79
CA LEU D 5 -24.38 4.95 25.92
C LEU D 5 -25.62 4.30 26.57
N ASP D 6 -25.43 3.09 27.07
CA ASP D 6 -26.51 2.32 27.73
C ASP D 6 -26.96 2.95 29.05
N ARG D 7 -26.00 3.61 29.72
CA ARG D 7 -26.27 4.29 30.99
C ARG D 7 -27.13 5.53 30.75
N LEU D 8 -27.01 6.08 29.55
CA LEU D 8 -27.77 7.24 29.14
C LEU D 8 -29.13 6.66 28.88
N LEU D 9 -29.22 5.80 27.88
CA LEU D 9 -30.48 5.15 27.55
C LEU D 9 -31.29 4.82 28.81
N LEU D 10 -30.61 4.33 29.85
CA LEU D 10 -31.28 3.98 31.11
C LEU D 10 -31.96 5.22 31.74
N GLU D 11 -31.32 6.38 31.67
CA GLU D 11 -31.86 7.64 32.21
C GLU D 11 -33.20 8.04 31.54
N LEU D 12 -33.40 7.55 30.33
CA LEU D 12 -34.61 7.86 29.57
C LEU D 12 -35.89 7.11 29.91
N ASN D 13 -35.80 5.81 30.11
CA ASN D 13 -36.98 5.01 30.42
C ASN D 13 -38.05 5.68 31.29
N LEU E 2 26.17 5.15 -24.88
CA LEU E 2 26.87 5.80 -23.74
C LEU E 2 26.19 7.14 -23.35
N SER E 3 25.65 7.85 -24.34
CA SER E 3 24.92 9.09 -24.12
C SER E 3 23.83 8.87 -23.02
N GLU E 4 23.23 7.68 -23.04
CA GLU E 4 22.19 7.29 -22.07
C GLU E 4 22.82 7.10 -20.67
N LEU E 5 24.03 6.53 -20.61
CA LEU E 5 24.76 6.32 -19.35
C LEU E 5 25.11 7.69 -18.80
N ASP E 6 25.47 8.59 -19.73
CA ASP E 6 25.83 9.97 -19.43
C ASP E 6 24.60 10.78 -18.95
N ARG E 7 23.43 10.47 -19.50
CA ARG E 7 22.18 11.15 -19.11
C ARG E 7 21.82 10.76 -17.68
N LEU E 8 22.26 9.58 -17.27
CA LEU E 8 22.03 9.06 -15.92
C LEU E 8 22.98 9.84 -15.02
N LEU E 9 24.27 9.79 -15.37
CA LEU E 9 25.33 10.50 -14.67
C LEU E 9 24.94 11.97 -14.42
N LEU E 10 24.36 12.63 -15.44
CA LEU E 10 23.91 14.03 -15.35
C LEU E 10 22.90 14.23 -14.22
N GLU E 11 21.99 13.28 -14.10
CA GLU E 11 20.97 13.31 -13.07
C GLU E 11 21.56 13.32 -11.66
N LEU E 12 22.76 12.75 -11.52
CA LEU E 12 23.47 12.66 -10.25
C LEU E 12 24.20 13.94 -9.87
N ASN E 13 24.58 14.74 -10.88
CA ASN E 13 25.28 15.98 -10.61
C ASN E 13 24.36 17.02 -9.98
#